data_8TYV
#
_entry.id   8TYV
#
_cell.length_a   56.712
_cell.length_b   47.754
_cell.length_c   70.373
_cell.angle_alpha   90.00
_cell.angle_beta   104.21
_cell.angle_gamma   90.00
#
_symmetry.space_group_name_H-M   'P 1 21 1'
#
loop_
_entity.id
_entity.type
_entity.pdbx_description
1 polymer 'Solute carrier family 53 member 1'
2 non-polymer '(1R,3S,4R,5S,6R)-2,4,5,6-tetrakis(phosphonooxy)cyclohexane-1,3-diyl bis[trihydrogen (diphosphate)]'
3 water water
#
_entity_poly.entity_id   1
_entity_poly.type   'polypeptide(L)'
_entity_poly.pdbx_seq_one_letter_code
;GSGTMKFAEHLSAHITPEWRKQYIQYEAFKDMLYSAQDQAPSVEVTDEDTVKRYFAKFEEKFFQTCEKELAKINTFYSEK
LAEAQRRFATLQNELQSSGSGSGDLKLAFSEFYLSLILLQNYQNLNFTGFRKILKKHDKILETSRGADWRVAHVEVAPFY
TCKKINQLISETEAVVTNELE
;
_entity_poly.pdbx_strand_id   B,A
#
loop_
_chem_comp.id
_chem_comp.type
_chem_comp.name
_chem_comp.formula
I8P non-polymer '(1R,3S,4R,5S,6R)-2,4,5,6-tetrakis(phosphonooxy)cyclohexane-1,3-diyl bis[trihydrogen (diphosphate)]' 'C6 H20 O30 P8'
#
# COMPACT_ATOMS: atom_id res chain seq x y z
N LYS A 6 4.16 -5.98 -9.09
CA LYS A 6 5.41 -5.37 -8.66
C LYS A 6 5.77 -4.18 -9.55
N PHE A 7 6.00 -3.05 -8.90
CA PHE A 7 6.18 -1.82 -9.65
C PHE A 7 7.49 -1.81 -10.42
N ALA A 8 8.49 -2.54 -9.94
CA ALA A 8 9.74 -2.59 -10.68
C ALA A 8 9.53 -3.20 -12.07
N GLU A 9 8.67 -4.23 -12.15
CA GLU A 9 8.37 -4.86 -13.44
C GLU A 9 7.52 -3.96 -14.31
N HIS A 10 6.48 -3.40 -13.69
CA HIS A 10 5.59 -2.48 -14.40
C HIS A 10 6.38 -1.33 -14.99
N LEU A 11 7.27 -0.74 -14.19
CA LEU A 11 8.11 0.35 -14.66
C LEU A 11 8.98 -0.12 -15.82
N SER A 12 9.63 -1.29 -15.68
CA SER A 12 10.44 -1.82 -16.77
C SER A 12 9.64 -1.95 -18.06
N ALA A 13 8.40 -2.44 -17.96
CA ALA A 13 7.61 -2.68 -19.16
C ALA A 13 7.15 -1.37 -19.81
N HIS A 14 7.02 -0.30 -19.03
CA HIS A 14 6.38 0.91 -19.54
C HIS A 14 7.34 2.07 -19.78
N ILE A 15 8.60 1.95 -19.38
CA ILE A 15 9.63 2.86 -19.84
C ILE A 15 9.64 2.97 -21.36
N THR A 16 9.78 4.20 -21.84
CA THR A 16 10.15 4.47 -23.21
C THR A 16 11.62 4.14 -23.38
N PRO A 17 11.99 3.16 -24.20
CA PRO A 17 13.38 2.67 -24.18
C PRO A 17 14.42 3.73 -24.49
N GLU A 18 14.10 4.67 -25.36
CA GLU A 18 15.05 5.74 -25.69
C GLU A 18 15.29 6.67 -24.52
N TRP A 19 14.45 6.62 -23.49
CA TRP A 19 14.57 7.50 -22.34
C TRP A 19 15.03 6.76 -21.09
N ARG A 20 15.51 5.52 -21.25
CA ARG A 20 15.65 4.60 -20.13
C ARG A 20 16.38 5.20 -18.92
N LYS A 21 17.49 5.90 -19.15
CA LYS A 21 18.35 6.35 -18.08
C LYS A 21 17.81 7.56 -17.37
N GLN A 22 16.76 8.17 -17.91
CA GLN A 22 16.16 9.36 -17.36
C GLN A 22 15.05 9.07 -16.37
N TYR A 23 14.66 7.82 -16.17
CA TYR A 23 13.65 7.44 -15.19
C TYR A 23 14.25 7.28 -13.82
N ILE A 24 13.38 7.33 -12.80
CA ILE A 24 13.82 7.04 -11.45
C ILE A 24 14.44 5.66 -11.41
N GLN A 25 15.58 5.55 -10.73
CA GLN A 25 16.30 4.28 -10.65
C GLN A 25 15.69 3.49 -9.49
N TYR A 26 14.47 3.00 -9.74
CA TYR A 26 13.66 2.39 -8.71
C TYR A 26 14.36 1.17 -8.10
N GLU A 27 14.91 0.31 -8.96
CA GLU A 27 15.56 -0.89 -8.44
C GLU A 27 16.80 -0.55 -7.63
N ALA A 28 17.50 0.52 -8.01
CA ALA A 28 18.68 0.90 -7.24
C ALA A 28 18.28 1.41 -5.87
N PHE A 29 17.13 2.09 -5.78
CA PHE A 29 16.62 2.54 -4.50
C PHE A 29 16.23 1.38 -3.60
N LYS A 30 15.57 0.40 -4.17
CA LYS A 30 15.18 -0.76 -3.41
C LYS A 30 16.42 -1.45 -2.82
N ASP A 31 17.43 -1.57 -3.62
CA ASP A 31 18.69 -2.19 -3.19
C ASP A 31 19.32 -1.37 -2.06
N MET A 32 19.31 -0.05 -2.24
CA MET A 32 19.83 0.78 -1.18
C MET A 32 19.02 0.60 0.10
N LEU A 33 17.68 0.46 -0.01
CA LEU A 33 16.87 0.27 1.19
C LEU A 33 17.06 -1.13 1.77
N TYR A 34 17.45 -2.10 0.93
CA TYR A 34 17.95 -3.37 1.46
C TYR A 34 19.27 -3.19 2.18
N SER A 35 20.22 -2.48 1.57
CA SER A 35 21.52 -2.27 2.20
C SER A 35 21.38 -1.61 3.56
N ALA A 36 20.41 -0.69 3.71
CA ALA A 36 20.20 -0.04 5.01
C ALA A 36 19.90 -1.09 6.08
N GLN A 37 19.03 -2.04 5.77
CA GLN A 37 18.83 -3.12 6.74
C GLN A 37 19.99 -4.10 6.74
N ASP A 38 20.66 -4.28 5.61
CA ASP A 38 21.72 -5.29 5.54
C ASP A 38 22.88 -4.94 6.48
N GLN A 39 23.26 -3.67 6.54
CA GLN A 39 24.39 -3.25 7.36
C GLN A 39 23.99 -2.78 8.77
N ALA A 40 22.71 -2.91 9.15
CA ALA A 40 22.27 -2.31 10.43
C ALA A 40 22.78 -3.08 11.62
N PRO A 41 23.53 -2.46 12.53
CA PRO A 41 23.89 -3.14 13.77
C PRO A 41 22.66 -3.39 14.63
N SER A 42 22.80 -4.34 15.54
CA SER A 42 21.78 -4.65 16.53
C SER A 42 22.05 -3.85 17.80
N VAL A 43 20.97 -3.33 18.40
CA VAL A 43 21.08 -2.60 19.65
C VAL A 43 21.54 -3.49 20.79
N GLU A 44 21.23 -4.79 20.73
CA GLU A 44 21.68 -5.67 21.81
C GLU A 44 23.19 -5.88 21.74
N VAL A 45 23.74 -5.96 20.52
CA VAL A 45 25.18 -6.14 20.37
C VAL A 45 25.92 -4.82 20.49
N THR A 46 25.33 -3.74 19.99
CA THR A 46 25.93 -2.41 20.10
C THR A 46 25.24 -1.63 21.22
N ASP A 47 24.66 -0.48 20.90
CA ASP A 47 23.93 0.32 21.88
C ASP A 47 22.91 1.17 21.13
N GLU A 48 22.30 2.12 21.83
CA GLU A 48 21.23 2.90 21.21
C GLU A 48 21.82 3.97 20.30
N ASP A 49 22.91 4.60 20.75
CA ASP A 49 23.53 5.67 19.98
C ASP A 49 24.11 5.14 18.67
N THR A 50 24.73 3.96 18.70
CA THR A 50 25.33 3.40 17.49
C THR A 50 24.26 3.17 16.42
N VAL A 51 23.11 2.61 16.81
CA VAL A 51 22.09 2.23 15.85
C VAL A 51 21.44 3.46 15.24
N LYS A 52 21.05 4.42 16.08
CA LYS A 52 20.38 5.58 15.50
C LYS A 52 21.37 6.49 14.78
N ARG A 53 22.65 6.46 15.16
CA ARG A 53 23.65 7.14 14.32
C ARG A 53 23.82 6.43 12.98
N TYR A 54 23.74 5.10 12.97
CA TYR A 54 23.76 4.38 11.72
C TYR A 54 22.60 4.81 10.82
N PHE A 55 21.39 4.85 11.37
CA PHE A 55 20.24 5.22 10.55
C PHE A 55 20.32 6.67 10.11
N ALA A 56 20.92 7.53 10.95
CA ALA A 56 21.06 8.93 10.60
C ALA A 56 21.98 9.11 9.39
N LYS A 57 23.15 8.45 9.37
CA LYS A 57 23.96 8.43 8.15
C LYS A 57 23.20 7.90 6.95
N PHE A 58 22.45 6.83 7.13
CA PHE A 58 21.75 6.29 5.97
C PHE A 58 20.74 7.29 5.44
N GLU A 59 19.95 7.91 6.31
CA GLU A 59 18.95 8.88 5.88
C GLU A 59 19.58 9.99 5.05
N GLU A 60 20.74 10.52 5.49
CA GLU A 60 21.44 11.56 4.71
C GLU A 60 21.76 11.06 3.30
N LYS A 61 22.28 9.84 3.19
CA LYS A 61 22.57 9.25 1.89
C LYS A 61 21.31 9.04 1.06
N PHE A 62 20.26 8.51 1.69
CA PHE A 62 19.03 8.21 0.96
C PHE A 62 18.42 9.47 0.36
N PHE A 63 18.29 10.54 1.16
CA PHE A 63 17.62 11.73 0.66
C PHE A 63 18.51 12.55 -0.26
N GLN A 64 19.84 12.42 -0.14
CA GLN A 64 20.72 13.01 -1.14
C GLN A 64 20.55 12.32 -2.48
N THR A 65 20.38 11.00 -2.48
CA THR A 65 20.11 10.27 -3.71
C THR A 65 18.74 10.62 -4.29
N CYS A 66 17.71 10.75 -3.45
CA CYS A 66 16.42 11.23 -3.96
C CYS A 66 16.55 12.57 -4.66
N GLU A 67 17.34 13.49 -4.07
CA GLU A 67 17.53 14.83 -4.65
C GLU A 67 18.20 14.75 -6.01
N LYS A 68 19.24 13.91 -6.15
CA LYS A 68 19.88 13.76 -7.45
C LYS A 68 18.93 13.17 -8.48
N GLU A 69 18.12 12.19 -8.07
CA GLU A 69 17.17 11.64 -9.02
C GLU A 69 16.14 12.69 -9.42
N LEU A 70 15.65 13.47 -8.44
CA LEU A 70 14.64 14.51 -8.73
C LEU A 70 15.19 15.57 -9.70
N ALA A 71 16.44 16.00 -9.49
CA ALA A 71 17.06 16.97 -10.39
C ALA A 71 17.18 16.40 -11.82
N LYS A 72 17.60 15.15 -11.96
CA LYS A 72 17.67 14.52 -13.27
C LYS A 72 16.30 14.52 -13.96
N ILE A 73 15.25 14.16 -13.22
CA ILE A 73 13.94 14.04 -13.83
C ILE A 73 13.40 15.40 -14.21
N ASN A 74 13.55 16.38 -13.31
CA ASN A 74 13.16 17.76 -13.60
C ASN A 74 13.89 18.26 -14.86
N THR A 75 15.20 18.01 -14.93
CA THR A 75 15.99 18.48 -16.08
C THR A 75 15.53 17.86 -17.39
N PHE A 76 15.33 16.54 -17.41
CA PHE A 76 14.90 15.88 -18.63
C PHE A 76 13.49 16.29 -19.03
N TYR A 77 12.56 16.33 -18.07
CA TYR A 77 11.22 16.81 -18.38
C TYR A 77 11.25 18.19 -19.03
N SER A 78 12.03 19.12 -18.46
CA SER A 78 12.11 20.47 -19.02
C SER A 78 12.64 20.47 -20.45
N GLU A 79 13.68 19.68 -20.71
CA GLU A 79 14.26 19.61 -22.05
C GLU A 79 13.26 19.07 -23.06
N LYS A 80 12.55 17.99 -22.73
CA LYS A 80 11.53 17.48 -23.64
C LYS A 80 10.35 18.43 -23.78
N LEU A 81 10.02 19.18 -22.72
CA LEU A 81 8.98 20.19 -22.83
C LEU A 81 9.40 21.34 -23.73
N ALA A 82 10.64 21.81 -23.60
CA ALA A 82 11.10 22.87 -24.50
C ALA A 82 11.05 22.39 -25.95
N GLU A 83 11.57 21.18 -26.20
CA GLU A 83 11.58 20.59 -27.53
C GLU A 83 10.16 20.47 -28.09
N ALA A 84 9.19 20.11 -27.25
CA ALA A 84 7.81 20.01 -27.72
C ALA A 84 7.21 21.38 -28.02
N GLN A 85 7.61 22.42 -27.29
CA GLN A 85 7.09 23.76 -27.61
C GLN A 85 7.58 24.22 -28.97
N ARG A 86 8.87 24.00 -29.24
CA ARG A 86 9.43 24.36 -30.54
C ARG A 86 8.85 23.48 -31.65
N ARG A 87 8.58 22.21 -31.35
CA ARG A 87 8.04 21.34 -32.38
C ARG A 87 6.62 21.75 -32.75
N PHE A 88 5.85 22.22 -31.78
CA PHE A 88 4.49 22.66 -32.06
C PHE A 88 4.50 23.91 -32.94
N ALA A 89 5.40 24.86 -32.65
CA ALA A 89 5.51 26.07 -33.46
C ALA A 89 5.86 25.74 -34.91
N THR A 90 6.82 24.84 -35.11
CA THR A 90 7.16 24.38 -36.46
C THR A 90 5.96 23.76 -37.16
N LEU A 91 5.22 22.89 -36.48
CA LEU A 91 4.05 22.32 -37.15
C LEU A 91 2.96 23.36 -37.34
N GLN A 92 2.99 24.45 -36.56
CA GLN A 92 2.00 25.51 -36.71
C GLN A 92 2.20 26.27 -38.02
N ASN A 93 3.45 26.54 -38.40
CA ASN A 93 3.70 27.24 -39.66
C ASN A 93 3.37 26.36 -40.86
N GLU A 94 3.69 25.07 -40.78
CA GLU A 94 3.43 24.17 -41.90
C GLU A 94 1.95 24.14 -42.25
N LEU A 95 1.08 24.20 -41.22
CA LEU A 95 -0.36 24.25 -41.45
C LEU A 95 -0.83 25.66 -41.78
N GLN A 96 -0.19 26.68 -41.20
CA GLN A 96 -0.58 28.07 -41.39
C GLN A 96 -0.21 28.61 -42.78
N SER A 97 0.44 27.80 -43.61
CA SER A 97 0.75 28.22 -44.98
C SER A 97 0.16 27.26 -46.01
N SER A 98 0.54 25.98 -45.96
CA SER A 98 0.07 25.02 -46.96
C SER A 98 -1.38 24.62 -46.74
N GLY A 99 -1.89 24.73 -45.51
CA GLY A 99 -3.28 24.42 -45.23
C GLY A 99 -3.61 22.94 -45.27
N GLY A 103 -2.31 14.81 -46.10
CA GLY A 103 -2.29 13.61 -45.29
C GLY A 103 -1.00 13.42 -44.52
N ASP A 104 0.05 14.10 -44.97
CA ASP A 104 1.33 14.02 -44.27
C ASP A 104 1.25 14.68 -42.90
N LEU A 105 0.56 15.81 -42.79
CA LEU A 105 0.49 16.45 -41.47
C LEU A 105 -0.48 15.71 -40.55
N LYS A 106 -1.56 15.13 -41.08
CA LYS A 106 -2.39 14.27 -40.24
C LYS A 106 -1.55 13.18 -39.59
N LEU A 107 -0.53 12.69 -40.29
CA LEU A 107 0.39 11.75 -39.68
C LEU A 107 1.40 12.47 -38.77
N ALA A 108 1.91 13.63 -39.21
CA ALA A 108 2.92 14.34 -38.43
C ALA A 108 2.35 14.94 -37.15
N PHE A 109 1.13 15.46 -37.20
CA PHE A 109 0.50 15.94 -35.97
C PHE A 109 0.15 14.78 -35.05
N SER A 110 -0.25 13.64 -35.61
CA SER A 110 -0.56 12.46 -34.80
C SER A 110 0.69 11.94 -34.06
N GLU A 111 1.86 12.03 -34.70
CA GLU A 111 3.09 11.58 -34.06
C GLU A 111 3.60 12.57 -33.03
N PHE A 112 3.42 13.88 -33.26
CA PHE A 112 3.72 14.85 -32.21
C PHE A 112 2.81 14.66 -31.02
N TYR A 113 1.53 14.39 -31.29
CA TYR A 113 0.61 14.16 -30.18
C TYR A 113 1.04 12.95 -29.36
N LEU A 114 1.38 11.86 -30.04
CA LEU A 114 1.91 10.68 -29.35
C LEU A 114 3.11 11.05 -28.48
N SER A 115 3.99 11.93 -28.99
CA SER A 115 5.15 12.35 -28.20
C SER A 115 4.75 13.10 -26.94
N LEU A 116 3.70 13.90 -27.00
CA LEU A 116 3.24 14.57 -25.78
C LEU A 116 2.76 13.54 -24.77
N ILE A 117 2.06 12.51 -25.24
CA ILE A 117 1.48 11.52 -24.34
C ILE A 117 2.59 10.68 -23.73
N LEU A 118 3.64 10.39 -24.51
CA LEU A 118 4.75 9.63 -23.95
C LEU A 118 5.42 10.42 -22.83
N LEU A 119 5.54 11.73 -23.01
CA LEU A 119 6.13 12.55 -21.97
C LEU A 119 5.22 12.61 -20.74
N GLN A 120 3.91 12.66 -20.96
CA GLN A 120 2.95 12.63 -19.85
C GLN A 120 3.07 11.33 -19.04
N ASN A 121 3.14 10.17 -19.72
CA ASN A 121 3.41 8.93 -19.02
C ASN A 121 4.72 8.94 -18.26
N TYR A 122 5.76 9.56 -18.83
CA TYR A 122 7.04 9.77 -18.10
C TYR A 122 6.82 10.54 -16.79
N GLN A 123 6.05 11.65 -16.82
CA GLN A 123 5.71 12.33 -15.57
C GLN A 123 5.04 11.39 -14.59
N ASN A 124 4.02 10.66 -15.03
CA ASN A 124 3.24 9.82 -14.09
C ASN A 124 4.02 8.63 -13.51
N LEU A 125 4.79 7.99 -14.37
CA LEU A 125 5.57 6.81 -13.94
C LEU A 125 6.60 7.25 -12.87
N ASN A 126 7.28 8.35 -13.14
CA ASN A 126 8.29 8.87 -12.18
C ASN A 126 7.66 9.31 -10.84
N PHE A 127 6.51 9.97 -10.93
CA PHE A 127 5.83 10.36 -9.66
C PHE A 127 5.46 9.10 -8.86
N THR A 128 4.84 8.14 -9.53
CA THR A 128 4.42 6.89 -8.84
C THR A 128 5.64 6.18 -8.24
N GLY A 129 6.74 6.14 -8.97
CA GLY A 129 7.96 5.52 -8.49
C GLY A 129 8.47 6.23 -7.25
N PHE A 130 8.49 7.57 -7.31
CA PHE A 130 8.84 8.32 -6.10
C PHE A 130 7.87 8.00 -4.95
N ARG A 131 6.57 8.09 -5.22
CA ARG A 131 5.58 7.85 -4.17
C ARG A 131 5.73 6.47 -3.55
N LYS A 132 5.98 5.45 -4.36
CA LYS A 132 6.13 4.08 -3.87
C LYS A 132 7.44 3.89 -3.13
N ILE A 133 8.52 4.46 -3.64
CA ILE A 133 9.81 4.27 -3.00
C ILE A 133 9.85 4.98 -1.65
N LEU A 134 9.21 6.15 -1.53
CA LEU A 134 9.24 6.86 -0.26
C LEU A 134 8.33 6.19 0.75
N LYS A 135 7.24 5.60 0.29
CA LYS A 135 6.39 4.84 1.21
C LYS A 135 7.13 3.60 1.71
N LYS A 136 7.87 2.92 0.82
CA LYS A 136 8.68 1.77 1.21
C LYS A 136 9.72 2.17 2.27
N HIS A 137 10.38 3.30 2.04
CA HIS A 137 11.34 3.86 3.00
C HIS A 137 10.69 4.08 4.37
N ASP A 138 9.50 4.69 4.38
CA ASP A 138 8.84 5.03 5.63
C ASP A 138 8.40 3.80 6.39
N LYS A 139 7.95 2.76 5.68
CA LYS A 139 7.53 1.55 6.37
C LYS A 139 8.71 0.82 6.98
N ILE A 140 9.87 0.89 6.32
CA ILE A 140 11.07 0.18 6.78
C ILE A 140 11.72 0.91 7.94
N LEU A 141 11.81 2.23 7.86
CA LEU A 141 12.46 2.99 8.93
C LEU A 141 11.49 3.51 9.96
N GLU A 142 10.20 3.18 9.85
CA GLU A 142 9.20 3.58 10.83
C GLU A 142 9.27 5.08 11.07
N THR A 143 9.18 5.84 9.97
CA THR A 143 9.32 7.29 9.98
C THR A 143 8.37 7.88 8.95
N SER A 144 8.15 9.19 9.02
CA SER A 144 7.37 9.90 8.01
C SER A 144 8.24 10.81 7.16
N ARG A 145 9.56 10.74 7.30
CA ARG A 145 10.43 11.67 6.60
C ARG A 145 10.26 11.55 5.09
N GLY A 146 10.04 10.33 4.59
CA GLY A 146 9.88 10.14 3.16
C GLY A 146 8.61 10.78 2.64
N ALA A 147 7.50 10.57 3.34
CA ALA A 147 6.25 11.24 2.99
C ALA A 147 6.41 12.76 3.06
N ASP A 148 7.07 13.27 4.12
CA ASP A 148 7.32 14.71 4.20
C ASP A 148 8.18 15.21 3.05
N TRP A 149 9.18 14.41 2.67
CA TRP A 149 9.99 14.76 1.50
C TRP A 149 9.16 14.78 0.22
N ARG A 150 8.26 13.80 0.03
CA ARG A 150 7.43 13.79 -1.17
C ARG A 150 6.64 15.09 -1.27
N VAL A 151 6.01 15.50 -0.17
CA VAL A 151 5.14 16.68 -0.17
C VAL A 151 5.97 17.94 -0.38
N ALA A 152 7.12 18.04 0.26
CA ALA A 152 7.89 19.27 0.18
C ALA A 152 8.79 19.35 -1.05
N HIS A 153 9.00 18.25 -1.79
CA HIS A 153 9.90 18.30 -2.93
C HIS A 153 9.29 17.75 -4.22
N VAL A 154 8.75 16.54 -4.17
CA VAL A 154 8.22 15.92 -5.39
C VAL A 154 6.93 16.63 -5.81
N GLU A 155 6.00 16.83 -4.88
CA GLU A 155 4.70 17.38 -5.25
C GLU A 155 4.73 18.86 -5.64
N VAL A 156 5.84 19.54 -5.41
CA VAL A 156 6.02 20.90 -5.91
C VAL A 156 7.09 20.97 -6.99
N ALA A 157 7.54 19.82 -7.49
CA ALA A 157 8.52 19.76 -8.58
C ALA A 157 7.88 20.16 -9.92
N PRO A 158 8.57 20.96 -10.75
CA PRO A 158 8.05 21.26 -12.08
C PRO A 158 7.69 19.97 -12.82
N PHE A 159 8.44 18.88 -12.82
CA PHE A 159 8.09 17.71 -13.69
C PHE A 159 6.71 17.23 -13.45
N TYR A 160 6.27 17.46 -12.28
CA TYR A 160 4.97 17.08 -11.74
C TYR A 160 3.92 18.22 -11.75
N THR A 161 4.32 19.47 -11.44
CA THR A 161 3.35 20.55 -11.30
C THR A 161 3.13 21.35 -12.57
N CYS A 162 4.13 21.40 -13.47
CA CYS A 162 4.02 22.19 -14.68
C CYS A 162 2.84 21.74 -15.52
N LYS A 163 2.05 22.70 -15.99
CA LYS A 163 0.86 22.43 -16.78
C LYS A 163 1.03 22.79 -18.25
N LYS A 164 2.24 23.10 -18.70
CA LYS A 164 2.39 23.55 -20.07
C LYS A 164 2.24 22.39 -21.04
N ILE A 165 2.56 21.15 -20.64
CA ILE A 165 2.30 20.00 -21.52
C ILE A 165 0.80 19.77 -21.68
N ASN A 166 0.02 19.97 -20.62
CA ASN A 166 -1.44 19.83 -20.75
C ASN A 166 -2.01 20.85 -21.75
N GLN A 167 -1.58 22.10 -21.63
CA GLN A 167 -1.78 23.16 -22.62
C GLN A 167 -1.40 22.77 -24.05
N LEU A 168 -0.22 22.20 -24.23
CA LEU A 168 0.16 21.72 -25.55
C LEU A 168 -0.79 20.63 -26.02
N ILE A 169 -1.11 19.69 -25.15
CA ILE A 169 -2.01 18.60 -25.54
C ILE A 169 -3.35 19.17 -26.00
N SER A 170 -3.87 20.16 -25.26
CA SER A 170 -5.14 20.75 -25.64
C SER A 170 -5.03 21.51 -26.95
N GLU A 171 -3.97 22.30 -27.11
CA GLU A 171 -3.86 23.10 -28.32
C GLU A 171 -3.64 22.24 -29.54
N THR A 172 -2.89 21.14 -29.42
CA THR A 172 -2.72 20.24 -30.55
C THR A 172 -4.05 19.58 -30.91
N GLU A 173 -4.82 19.17 -29.90
CA GLU A 173 -6.15 18.62 -30.18
C GLU A 173 -7.03 19.63 -30.89
N ALA A 174 -6.92 20.90 -30.52
CA ALA A 174 -7.75 21.94 -31.16
C ALA A 174 -7.32 22.19 -32.60
N VAL A 175 -6.02 22.05 -32.88
CA VAL A 175 -5.53 22.17 -34.24
C VAL A 175 -6.00 21.00 -35.09
N VAL A 176 -5.80 19.77 -34.60
CA VAL A 176 -6.18 18.58 -35.36
C VAL A 176 -7.68 18.57 -35.63
N THR A 177 -8.49 19.03 -34.68
CA THR A 177 -9.94 18.95 -34.81
C THR A 177 -10.50 20.04 -35.71
N ASN A 178 -9.99 21.27 -35.60
CA ASN A 178 -10.54 22.40 -36.31
C ASN A 178 -9.79 22.72 -37.61
N GLU A 179 -8.72 22.00 -37.90
CA GLU A 179 -7.99 22.16 -39.16
C GLU A 179 -7.89 20.82 -39.90
N LYS B 6 4.12 -1.82 7.82
CA LYS B 6 4.27 -3.27 7.91
C LYS B 6 3.19 -3.89 8.79
N PHE B 7 2.03 -4.21 8.22
CA PHE B 7 1.00 -4.78 9.08
C PHE B 7 1.43 -6.16 9.58
N ALA B 8 2.06 -6.94 8.72
CA ALA B 8 2.59 -8.23 9.15
C ALA B 8 3.38 -8.11 10.44
N GLU B 9 4.20 -7.06 10.56
CA GLU B 9 5.01 -6.80 11.75
C GLU B 9 4.17 -6.20 12.87
N HIS B 10 3.37 -5.19 12.54
CA HIS B 10 2.46 -4.63 13.52
C HIS B 10 1.63 -5.71 14.19
N LEU B 11 1.10 -6.66 13.40
CA LEU B 11 0.30 -7.74 13.97
C LEU B 11 1.13 -8.58 14.95
N SER B 12 2.32 -9.01 14.53
CA SER B 12 3.15 -9.86 15.37
C SER B 12 3.49 -9.20 16.70
N ALA B 13 3.69 -7.88 16.70
CA ALA B 13 4.05 -7.16 17.91
C ALA B 13 2.88 -6.92 18.87
N HIS B 14 1.64 -6.99 18.40
CA HIS B 14 0.50 -6.62 19.23
C HIS B 14 -0.43 -7.78 19.55
N ILE B 15 -0.15 -8.98 19.03
CA ILE B 15 -0.83 -10.18 19.50
C ILE B 15 -0.64 -10.37 21.00
N THR B 16 -1.72 -10.77 21.65
CA THR B 16 -1.73 -11.32 23.00
C THR B 16 -1.11 -12.71 22.96
N PRO B 17 0.10 -12.92 23.55
CA PRO B 17 0.87 -14.16 23.27
C PRO B 17 0.09 -15.45 23.38
N GLU B 18 -0.51 -15.72 24.55
CA GLU B 18 -1.40 -16.85 24.76
C GLU B 18 -2.58 -17.01 23.79
N TRP B 19 -2.79 -16.05 22.89
CA TRP B 19 -3.85 -16.15 21.87
C TRP B 19 -3.31 -16.22 20.45
N ARG B 20 -1.98 -16.27 20.27
CA ARG B 20 -1.34 -16.14 18.92
C ARG B 20 -2.00 -17.01 17.85
N LYS B 21 -2.27 -18.27 18.16
CA LYS B 21 -2.77 -19.14 17.10
C LYS B 21 -4.18 -18.81 16.66
N GLN B 22 -4.95 -18.02 17.41
CA GLN B 22 -6.33 -17.67 17.07
C GLN B 22 -6.44 -16.44 16.17
N TYR B 23 -5.34 -15.80 15.84
CA TYR B 23 -5.32 -14.64 14.94
C TYR B 23 -5.33 -15.10 13.49
N ILE B 24 -5.58 -14.15 12.58
CA ILE B 24 -5.50 -14.42 11.15
C ILE B 24 -4.04 -14.61 10.78
N GLN B 25 -3.76 -15.65 9.99
CA GLN B 25 -2.38 -15.94 9.56
C GLN B 25 -2.02 -15.01 8.40
N TYR B 26 -1.55 -13.80 8.74
CA TYR B 26 -1.42 -12.73 7.74
C TYR B 26 -0.23 -12.96 6.80
N GLU B 27 0.97 -13.12 7.37
CA GLU B 27 2.15 -13.73 6.70
C GLU B 27 1.81 -14.82 5.67
N ALA B 28 1.14 -15.92 6.06
CA ALA B 28 0.90 -17.01 5.09
C ALA B 28 0.02 -16.55 3.92
N PHE B 29 -1.01 -15.76 4.19
CA PHE B 29 -1.84 -15.23 3.11
C PHE B 29 -0.99 -14.44 2.12
N LYS B 30 -0.06 -13.61 2.64
CA LYS B 30 0.89 -12.92 1.77
C LYS B 30 1.73 -13.90 0.96
N ASP B 31 2.20 -14.99 1.59
CA ASP B 31 2.98 -16.02 0.89
C ASP B 31 2.20 -16.61 -0.28
N MET B 32 0.98 -17.06 -0.04
CA MET B 32 0.04 -17.44 -1.09
C MET B 32 -0.14 -16.37 -2.19
N LEU B 33 -0.34 -15.10 -1.84
CA LEU B 33 -0.56 -14.10 -2.90
C LEU B 33 0.67 -13.92 -3.77
N TYR B 34 1.86 -14.00 -3.16
CA TYR B 34 3.10 -13.85 -3.88
C TYR B 34 3.44 -15.11 -4.68
N SER B 35 3.23 -16.30 -4.10
CA SER B 35 3.41 -17.55 -4.84
C SER B 35 2.46 -17.62 -6.03
N ALA B 36 1.23 -17.12 -5.85
CA ALA B 36 0.27 -17.07 -6.96
C ALA B 36 0.77 -16.15 -8.07
N GLN B 37 1.27 -14.97 -7.73
CA GLN B 37 1.87 -14.10 -8.71
C GLN B 37 3.21 -14.65 -9.21
N ASP B 38 3.86 -15.50 -8.39
CA ASP B 38 5.13 -16.10 -8.75
C ASP B 38 4.98 -17.12 -9.87
N GLN B 39 4.14 -18.13 -9.67
CA GLN B 39 3.98 -19.21 -10.63
C GLN B 39 2.90 -18.95 -11.67
N ALA B 40 2.59 -17.69 -11.94
CA ALA B 40 1.51 -17.36 -12.88
C ALA B 40 1.98 -17.60 -14.32
N PRO B 41 1.31 -18.46 -15.08
CA PRO B 41 1.71 -18.68 -16.47
C PRO B 41 1.38 -17.46 -17.32
N SER B 42 2.19 -17.24 -18.35
CA SER B 42 1.98 -16.14 -19.26
C SER B 42 1.15 -16.62 -20.45
N VAL B 43 0.38 -15.69 -21.03
CA VAL B 43 -0.36 -16.00 -22.25
C VAL B 43 0.54 -16.09 -23.47
N GLU B 44 1.84 -15.79 -23.32
CA GLU B 44 2.79 -16.05 -24.40
C GLU B 44 3.24 -17.51 -24.42
N VAL B 45 3.55 -18.07 -23.24
CA VAL B 45 3.99 -19.46 -23.16
C VAL B 45 2.81 -20.40 -23.27
N THR B 46 1.80 -20.20 -22.45
CA THR B 46 0.55 -20.94 -22.50
C THR B 46 -0.48 -20.03 -23.16
N ASP B 47 -1.74 -20.45 -23.20
CA ASP B 47 -2.75 -19.64 -23.84
C ASP B 47 -3.60 -18.92 -22.79
N GLU B 48 -4.60 -18.17 -23.27
CA GLU B 48 -5.50 -17.47 -22.36
C GLU B 48 -6.34 -18.44 -21.54
N ASP B 49 -6.67 -19.60 -22.11
CA ASP B 49 -7.40 -20.62 -21.38
C ASP B 49 -6.61 -21.12 -20.18
N THR B 50 -5.32 -21.41 -20.38
CA THR B 50 -4.49 -21.92 -19.30
C THR B 50 -4.32 -20.90 -18.18
N VAL B 51 -4.22 -19.62 -18.53
CA VAL B 51 -4.06 -18.58 -17.52
C VAL B 51 -5.34 -18.42 -16.71
N LYS B 52 -6.47 -18.25 -17.40
CA LYS B 52 -7.75 -18.17 -16.70
C LYS B 52 -8.04 -19.43 -15.88
N ARG B 53 -7.55 -20.58 -16.32
CA ARG B 53 -7.64 -21.77 -15.48
C ARG B 53 -6.73 -21.68 -14.27
N TYR B 54 -5.54 -21.10 -14.43
CA TYR B 54 -4.63 -20.99 -13.30
C TYR B 54 -5.21 -20.12 -12.20
N PHE B 55 -5.77 -18.97 -12.55
CA PHE B 55 -6.31 -18.06 -11.54
C PHE B 55 -7.64 -18.54 -11.00
N ALA B 56 -8.41 -19.30 -11.79
CA ALA B 56 -9.66 -19.84 -11.27
C ALA B 56 -9.40 -20.82 -10.14
N LYS B 57 -8.37 -21.66 -10.27
CA LYS B 57 -8.08 -22.63 -9.22
C LYS B 57 -7.49 -21.97 -7.98
N PHE B 58 -6.63 -20.98 -8.17
CA PHE B 58 -6.09 -20.29 -7.00
C PHE B 58 -7.20 -19.56 -6.24
N GLU B 59 -8.05 -18.84 -6.98
CA GLU B 59 -9.16 -18.14 -6.34
C GLU B 59 -9.98 -19.07 -5.49
N GLU B 60 -10.17 -20.32 -5.94
CA GLU B 60 -10.92 -21.29 -5.16
C GLU B 60 -10.26 -21.53 -3.81
N LYS B 61 -8.98 -21.91 -3.82
CA LYS B 61 -8.38 -22.27 -2.54
C LYS B 61 -8.06 -21.06 -1.67
N PHE B 62 -7.84 -19.90 -2.28
CA PHE B 62 -7.63 -18.69 -1.49
C PHE B 62 -8.84 -18.37 -0.64
N PHE B 63 -10.02 -18.28 -1.26
CA PHE B 63 -11.22 -17.93 -0.53
C PHE B 63 -11.73 -19.08 0.32
N GLN B 64 -11.48 -20.33 -0.07
CA GLN B 64 -11.69 -21.43 0.88
C GLN B 64 -10.84 -21.23 2.13
N THR B 65 -9.67 -20.67 1.99
CA THR B 65 -8.79 -20.38 3.15
C THR B 65 -9.34 -19.26 3.99
N CYS B 66 -9.81 -18.23 3.35
CA CYS B 66 -10.46 -17.16 4.03
C CYS B 66 -11.62 -17.71 4.88
N GLU B 67 -12.25 -18.78 4.41
CA GLU B 67 -13.35 -19.42 5.15
C GLU B 67 -12.88 -20.12 6.40
N LYS B 68 -11.88 -20.98 6.35
CA LYS B 68 -11.50 -21.66 7.57
C LYS B 68 -10.89 -20.72 8.61
N GLU B 69 -10.16 -19.69 8.18
CA GLU B 69 -9.59 -18.76 9.16
C GLU B 69 -10.68 -17.97 9.85
N LEU B 70 -11.66 -17.50 9.08
CA LEU B 70 -12.80 -16.79 9.63
C LEU B 70 -13.58 -17.63 10.63
N ALA B 71 -13.67 -18.94 10.41
CA ALA B 71 -14.40 -19.81 11.34
C ALA B 71 -13.68 -19.95 12.67
N LYS B 72 -12.35 -20.05 12.63
CA LYS B 72 -11.56 -20.09 13.85
C LYS B 72 -11.71 -18.80 14.66
N ILE B 73 -11.67 -17.65 13.98
CA ILE B 73 -11.76 -16.37 14.67
C ILE B 73 -13.14 -16.18 15.28
N ASN B 74 -14.18 -16.53 14.53
CA ASN B 74 -15.55 -16.46 15.05
C ASN B 74 -15.73 -17.32 16.28
N THR B 75 -15.19 -18.54 16.27
CA THR B 75 -15.40 -19.46 17.39
C THR B 75 -14.66 -18.99 18.63
N PHE B 76 -13.40 -18.57 18.48
CA PHE B 76 -12.64 -18.08 19.63
C PHE B 76 -13.25 -16.81 20.20
N TYR B 77 -13.69 -15.89 19.33
CA TYR B 77 -14.35 -14.69 19.83
C TYR B 77 -15.61 -15.05 20.62
N SER B 78 -16.40 -15.99 20.10
CA SER B 78 -17.64 -16.34 20.76
C SER B 78 -17.36 -16.94 22.13
N GLU B 79 -16.37 -17.83 22.21
CA GLU B 79 -16.01 -18.42 23.49
C GLU B 79 -15.54 -17.38 24.50
N LYS B 80 -14.68 -16.44 24.07
CA LYS B 80 -14.16 -15.45 25.01
C LYS B 80 -15.23 -14.45 25.41
N LEU B 81 -16.15 -14.13 24.50
CA LEU B 81 -17.22 -13.23 24.87
C LEU B 81 -18.15 -13.90 25.89
N ALA B 82 -18.47 -15.18 25.66
CA ALA B 82 -19.32 -15.90 26.61
C ALA B 82 -18.67 -15.99 27.97
N GLU B 83 -17.36 -16.25 28.00
CA GLU B 83 -16.58 -16.21 29.24
C GLU B 83 -16.61 -14.82 29.88
N ALA B 84 -16.56 -13.76 29.08
CA ALA B 84 -16.63 -12.42 29.67
C ALA B 84 -18.01 -12.12 30.24
N GLN B 85 -19.07 -12.59 29.58
CA GLN B 85 -20.44 -12.33 30.08
C GLN B 85 -20.68 -13.03 31.42
N ARG B 86 -20.18 -14.27 31.54
CA ARG B 86 -20.29 -15.00 32.81
C ARG B 86 -19.48 -14.33 33.90
N ARG B 87 -18.28 -13.84 33.56
CA ARG B 87 -17.43 -13.18 34.55
C ARG B 87 -18.06 -11.89 35.04
N PHE B 88 -18.68 -11.11 34.14
CA PHE B 88 -19.29 -9.85 34.58
C PHE B 88 -20.43 -10.11 35.56
N ALA B 89 -21.26 -11.13 35.29
CA ALA B 89 -22.37 -11.41 36.19
C ALA B 89 -21.88 -11.89 37.55
N THR B 90 -20.79 -12.65 37.56
CA THR B 90 -20.21 -13.09 38.83
C THR B 90 -19.71 -11.89 39.63
N LEU B 91 -19.00 -10.98 38.97
CA LEU B 91 -18.46 -9.84 39.69
C LEU B 91 -19.56 -8.86 40.07
N GLN B 92 -20.68 -8.85 39.33
CA GLN B 92 -21.81 -8.00 39.70
C GLN B 92 -22.45 -8.49 40.98
N ASN B 93 -22.64 -9.80 41.09
CA ASN B 93 -23.14 -10.38 42.32
C ASN B 93 -22.14 -10.18 43.47
N GLU B 94 -20.83 -10.20 43.17
CA GLU B 94 -19.84 -9.94 44.23
C GLU B 94 -19.94 -8.51 44.72
N LEU B 95 -20.13 -7.56 43.81
CA LEU B 95 -20.24 -6.17 44.22
C LEU B 95 -21.51 -5.92 45.05
N GLN B 96 -22.61 -6.58 44.68
CA GLN B 96 -23.89 -6.43 45.38
C GLN B 96 -23.79 -6.70 46.88
N GLY B 103 -10.39 -3.90 48.18
CA GLY B 103 -9.72 -3.32 47.03
C GLY B 103 -9.40 -4.43 46.04
N ASP B 104 -9.55 -5.65 46.53
CA ASP B 104 -9.49 -6.85 45.71
C ASP B 104 -10.55 -6.83 44.62
N LEU B 105 -11.77 -6.41 44.96
CA LEU B 105 -12.82 -6.30 43.95
C LEU B 105 -12.49 -5.21 42.92
N LYS B 106 -11.90 -4.10 43.35
CA LYS B 106 -11.42 -3.10 42.41
C LYS B 106 -10.37 -3.69 41.47
N LEU B 107 -9.43 -4.45 42.01
CA LEU B 107 -8.44 -5.10 41.16
C LEU B 107 -9.11 -6.10 40.21
N ALA B 108 -10.06 -6.89 40.73
CA ALA B 108 -10.73 -7.88 39.89
C ALA B 108 -11.47 -7.22 38.72
N PHE B 109 -12.19 -6.11 38.98
CA PHE B 109 -12.88 -5.41 37.89
C PHE B 109 -11.88 -4.80 36.91
N SER B 110 -10.76 -4.30 37.41
CA SER B 110 -9.74 -3.72 36.53
C SER B 110 -9.13 -4.77 35.61
N GLU B 111 -8.80 -5.94 36.15
CA GLU B 111 -8.30 -7.03 35.31
C GLU B 111 -9.35 -7.46 34.30
N PHE B 112 -10.61 -7.53 34.73
CA PHE B 112 -11.69 -7.89 33.81
C PHE B 112 -11.82 -6.86 32.72
N TYR B 113 -11.81 -5.57 33.09
CA TYR B 113 -11.89 -4.53 32.06
C TYR B 113 -10.77 -4.70 31.04
N LEU B 114 -9.55 -4.98 31.53
CA LEU B 114 -8.43 -5.24 30.61
C LEU B 114 -8.75 -6.41 29.68
N SER B 115 -9.35 -7.49 30.22
CA SER B 115 -9.68 -8.64 29.37
C SER B 115 -10.66 -8.27 28.25
N LEU B 116 -11.58 -7.33 28.52
CA LEU B 116 -12.50 -6.88 27.48
C LEU B 116 -11.78 -6.08 26.40
N ILE B 117 -10.88 -5.17 26.80
CA ILE B 117 -10.16 -4.40 25.79
C ILE B 117 -9.23 -5.30 24.97
N LEU B 118 -8.61 -6.30 25.60
CA LEU B 118 -7.81 -7.25 24.83
C LEU B 118 -8.66 -7.98 23.81
N LEU B 119 -9.90 -8.35 24.19
CA LEU B 119 -10.77 -9.05 23.24
C LEU B 119 -11.22 -8.11 22.13
N GLN B 120 -11.46 -6.85 22.46
CA GLN B 120 -11.85 -5.90 21.42
C GLN B 120 -10.68 -5.63 20.48
N ASN B 121 -9.44 -5.57 21.00
CA ASN B 121 -8.26 -5.46 20.13
C ASN B 121 -8.10 -6.68 19.23
N TYR B 122 -8.44 -7.87 19.74
CA TYR B 122 -8.43 -9.08 18.92
C TYR B 122 -9.38 -8.95 17.74
N GLN B 123 -10.59 -8.43 17.99
CA GLN B 123 -11.55 -8.19 16.91
C GLN B 123 -10.96 -7.25 15.88
N ASN B 124 -10.47 -6.10 16.35
CA ASN B 124 -9.99 -5.06 15.45
C ASN B 124 -8.77 -5.52 14.67
N LEU B 125 -7.84 -6.21 15.31
CA LEU B 125 -6.65 -6.65 14.60
C LEU B 125 -7.02 -7.67 13.53
N ASN B 126 -7.93 -8.59 13.85
CA ASN B 126 -8.27 -9.64 12.89
C ASN B 126 -9.07 -9.08 11.73
N PHE B 127 -9.96 -8.11 12.00
CA PHE B 127 -10.65 -7.46 10.89
C PHE B 127 -9.67 -6.71 10.01
N THR B 128 -8.74 -5.97 10.62
CA THR B 128 -7.76 -5.23 9.84
C THR B 128 -6.93 -6.15 8.96
N GLY B 129 -6.51 -7.29 9.50
CA GLY B 129 -5.77 -8.26 8.71
C GLY B 129 -6.56 -8.76 7.51
N PHE B 130 -7.87 -9.02 7.71
CA PHE B 130 -8.72 -9.44 6.61
C PHE B 130 -8.87 -8.34 5.56
N ARG B 131 -9.21 -7.12 5.99
CA ARG B 131 -9.35 -6.03 5.02
C ARG B 131 -8.09 -5.88 4.18
N LYS B 132 -6.93 -5.74 4.84
CA LYS B 132 -5.69 -5.52 4.12
C LYS B 132 -5.40 -6.68 3.17
N ILE B 133 -5.68 -7.91 3.59
CA ILE B 133 -5.27 -9.02 2.76
C ILE B 133 -6.22 -9.16 1.56
N LEU B 134 -7.49 -8.75 1.71
CA LEU B 134 -8.42 -8.76 0.59
C LEU B 134 -8.15 -7.62 -0.37
N LYS B 135 -7.75 -6.45 0.13
CA LYS B 135 -7.28 -5.39 -0.75
C LYS B 135 -6.00 -5.82 -1.48
N LYS B 136 -5.07 -6.44 -0.74
CA LYS B 136 -3.86 -7.01 -1.34
C LYS B 136 -4.20 -7.98 -2.45
N HIS B 137 -5.14 -8.88 -2.18
CA HIS B 137 -5.55 -9.87 -3.17
C HIS B 137 -6.11 -9.23 -4.42
N ASP B 138 -6.87 -8.14 -4.24
CA ASP B 138 -7.54 -7.49 -5.37
C ASP B 138 -6.56 -6.69 -6.22
N LYS B 139 -5.54 -6.10 -5.61
CA LYS B 139 -4.56 -5.37 -6.39
C LYS B 139 -3.72 -6.32 -7.24
N ILE B 140 -3.29 -7.44 -6.65
CA ILE B 140 -2.38 -8.35 -7.35
C ILE B 140 -3.08 -9.01 -8.55
N LEU B 141 -4.37 -9.31 -8.41
CA LEU B 141 -5.11 -10.06 -9.43
C LEU B 141 -6.12 -9.19 -10.18
N GLU B 142 -6.07 -7.87 -10.00
CA GLU B 142 -7.06 -6.94 -10.57
C GLU B 142 -8.47 -7.47 -10.36
N THR B 143 -8.77 -7.73 -9.11
CA THR B 143 -9.99 -8.41 -8.70
C THR B 143 -10.83 -7.43 -7.89
N SER B 144 -12.13 -7.67 -7.84
CA SER B 144 -12.98 -7.03 -6.83
C SER B 144 -13.69 -8.07 -5.97
N ARG B 145 -13.31 -9.33 -6.12
CA ARG B 145 -13.94 -10.38 -5.33
C ARG B 145 -13.53 -10.28 -3.87
N GLY B 146 -12.26 -9.95 -3.63
CA GLY B 146 -11.81 -9.64 -2.28
C GLY B 146 -12.72 -8.65 -1.59
N ALA B 147 -12.82 -7.44 -2.16
CA ALA B 147 -13.73 -6.44 -1.61
C ALA B 147 -15.14 -6.98 -1.44
N ASP B 148 -15.63 -7.75 -2.42
CA ASP B 148 -16.98 -8.29 -2.31
C ASP B 148 -17.04 -9.42 -1.30
N TRP B 149 -15.97 -10.24 -1.22
CA TRP B 149 -15.94 -11.29 -0.21
C TRP B 149 -15.85 -10.71 1.19
N ARG B 150 -15.13 -9.59 1.35
CA ARG B 150 -15.11 -8.90 2.64
C ARG B 150 -16.51 -8.41 3.01
N VAL B 151 -17.22 -7.81 2.06
CA VAL B 151 -18.53 -7.26 2.36
C VAL B 151 -19.54 -8.36 2.67
N ALA B 152 -19.44 -9.49 1.96
CA ALA B 152 -20.40 -10.56 2.07
C ALA B 152 -20.04 -11.61 3.11
N HIS B 153 -18.81 -11.60 3.64
CA HIS B 153 -18.49 -12.65 4.60
C HIS B 153 -17.79 -12.13 5.85
N VAL B 154 -16.72 -11.35 5.68
CA VAL B 154 -16.07 -10.80 6.87
C VAL B 154 -16.95 -9.76 7.53
N GLU B 155 -17.55 -8.87 6.75
CA GLU B 155 -18.36 -7.80 7.33
C GLU B 155 -19.73 -8.27 7.80
N VAL B 156 -20.06 -9.55 7.63
CA VAL B 156 -21.22 -10.14 8.28
C VAL B 156 -20.83 -11.20 9.27
N ALA B 157 -19.53 -11.35 9.55
CA ALA B 157 -19.07 -12.35 10.50
C ALA B 157 -19.41 -11.90 11.93
N PRO B 158 -19.77 -12.83 12.80
CA PRO B 158 -20.09 -12.47 14.18
C PRO B 158 -18.99 -11.71 14.90
N PHE B 159 -17.70 -12.09 14.72
CA PHE B 159 -16.68 -11.45 15.53
C PHE B 159 -16.59 -9.98 15.18
N TYR B 160 -17.09 -9.59 14.00
CA TYR B 160 -17.11 -8.20 13.54
C TYR B 160 -18.41 -7.41 13.75
N THR B 161 -19.54 -8.02 13.39
CA THR B 161 -20.82 -7.33 13.53
C THR B 161 -21.27 -7.20 14.96
N CYS B 162 -20.81 -8.10 15.79
CA CYS B 162 -21.25 -8.14 17.16
C CYS B 162 -20.85 -6.94 17.96
N LYS B 163 -21.79 -6.45 18.68
CA LYS B 163 -21.48 -5.33 19.57
C LYS B 163 -21.96 -5.60 20.99
N LYS B 164 -22.09 -6.87 21.35
CA LYS B 164 -22.35 -7.18 22.75
C LYS B 164 -21.15 -6.84 23.62
N ILE B 165 -19.94 -6.85 23.05
CA ILE B 165 -18.77 -6.52 23.87
C ILE B 165 -18.81 -5.05 24.25
N ASN B 166 -19.39 -4.24 23.38
CA ASN B 166 -19.48 -2.81 23.60
C ASN B 166 -20.32 -2.51 24.82
N GLN B 167 -21.38 -3.29 25.01
CA GLN B 167 -22.25 -3.10 26.16
C GLN B 167 -21.57 -3.58 27.44
N LEU B 168 -20.86 -4.70 27.37
CA LEU B 168 -20.03 -5.14 28.51
C LEU B 168 -19.02 -4.08 28.91
N ILE B 169 -18.36 -3.48 27.93
CA ILE B 169 -17.35 -2.48 28.22
C ILE B 169 -18.00 -1.26 28.89
N SER B 170 -19.14 -0.81 28.36
CA SER B 170 -19.81 0.37 28.92
C SER B 170 -20.29 0.12 30.35
N GLU B 171 -20.80 -1.08 30.62
CA GLU B 171 -21.29 -1.35 31.96
C GLU B 171 -20.14 -1.53 32.93
N THR B 172 -19.06 -2.17 32.47
CA THR B 172 -17.88 -2.33 33.30
C THR B 172 -17.23 -0.99 33.64
N GLU B 173 -17.04 -0.12 32.63
CA GLU B 173 -16.48 1.19 32.94
C GLU B 173 -17.34 1.96 33.94
N ALA B 174 -18.66 1.90 33.81
CA ALA B 174 -19.50 2.64 34.76
C ALA B 174 -19.25 2.17 36.19
N VAL B 175 -19.16 0.85 36.39
CA VAL B 175 -18.77 0.29 37.69
C VAL B 175 -17.42 0.81 38.13
N VAL B 176 -16.42 0.70 37.26
CA VAL B 176 -15.06 1.05 37.62
C VAL B 176 -14.95 2.53 37.97
N THR B 177 -15.54 3.40 37.17
CA THR B 177 -15.27 4.82 37.35
C THR B 177 -16.15 5.43 38.45
N ASN B 178 -17.37 4.97 38.60
CA ASN B 178 -18.30 5.65 39.49
C ASN B 178 -18.69 4.83 40.71
N GLU B 179 -18.30 3.57 40.78
CA GLU B 179 -18.60 2.76 41.96
C GLU B 179 -17.38 2.32 42.74
N LEU B 180 -16.24 2.11 42.08
CA LEU B 180 -15.07 1.56 42.76
C LEU B 180 -13.93 2.59 42.91
C1 I8P C . 3.58 -3.54 0.05
C2 I8P C . 2.78 -2.93 -1.09
C3 I8P C . 3.73 -2.29 -2.12
C4 I8P C . 4.66 -3.35 -2.65
C5 I8P C . 5.45 -3.97 -1.50
C6 I8P C . 4.51 -4.62 -0.50
O11 I8P C . 2.72 -4.13 1.00
O12 I8P C . 2.03 -3.95 -1.73
O13 I8P C . 2.99 -1.75 -3.21
O14 I8P C . 5.57 -2.76 -3.57
O15 I8P C . 6.28 -4.97 -2.05
O16 I8P C . 5.27 -5.18 0.56
O21 I8P C . 3.75 -2.71 2.78
O22 I8P C . 0.05 -5.17 -2.38
O23 I8P C . 2.05 -0.14 -4.71
O24 I8P C . 5.08 -1.34 -5.26
O25 I8P C . 8.43 -3.88 -1.33
O26 I8P C . 6.17 -6.88 1.99
O31 I8P C . 1.24 -2.87 2.56
O32 I8P C . 0.17 -4.08 -0.17
O33 I8P C . 4.06 0.43 -3.39
O34 I8P C . 4.17 -3.63 -5.34
O35 I8P C . 7.77 -6.14 -0.43
O36 I8P C . 5.45 -7.43 -0.29
O41 I8P C . 2.59 -4.81 3.40
O42 I8P C . 0.12 -2.73 -2.21
O43 I8P C . 1.92 0.09 -2.28
O44 I8P C . 6.55 -3.21 -5.72
O45 I8P C . 8.41 -5.92 -2.72
O46 I8P C . 3.82 -6.78 1.38
O51 I8P C . 2.16 -6.10 5.38
O55 I8P C . 9.34 -6.17 -4.81
O61 I8P C . 0.40 -5.52 3.79
O65 I8P C . 8.66 -3.94 -4.00
O71 I8P C . 1.36 -3.79 5.18
O75 I8P C . 6.92 -5.62 -4.56
PA1 I8P C . 2.56 -3.51 2.45
PA2 I8P C . 0.46 -4.03 -1.59
PA3 I8P C . 2.76 -0.21 -3.45
PA4 I8P C . 5.33 -2.78 -5.11
PA5 I8P C . 7.78 -5.18 -1.53
PA6 I8P C . 5.21 -6.71 0.93
PB1 I8P C . 1.57 -5.07 4.56
PB5 I8P C . 8.31 -5.35 -4.15
#